data_7O2V
#
_entry.id   7O2V
#
_cell.length_a   82.129
_cell.length_b   82.129
_cell.length_c   166.292
_cell.angle_alpha   90.000
_cell.angle_beta   90.000
_cell.angle_gamma   120.000
#
_symmetry.space_group_name_H-M   'P 61 2 2'
#
loop_
_entity.id
_entity.type
_entity.pdbx_description
1 polymer 'Aurora kinase A'
2 non-polymer 1-[[3,4-bis(fluoranyl)phenyl]methyl]-~{N}-[(1~{R})-2-[[(3~{E})-3-(1~{H}-imidazol-5-ylmethylidene)-2-oxidanylidene-1~{H}-indol-5-yl]amino]-2-oxidanylidene-1-phenyl-ethyl]-6-methyl-2-oxidanylidene-pyridine-3-carboxamide
3 water water
#
_entity_poly.entity_id   1
_entity_poly.type   'polypeptide(L)'
_entity_poly.pdbx_seq_one_letter_code
;SHHHHHHHHHHSKQKNEESKKRQWALEDFEIGRPLGKGKFGNVYLAREKQSKFILALKVLFKAQLEKAGVEHQLRREVEI
QSHLRHPNILRLYGYFHDATRVYLILEYAPLGTVYRELQKLSKFDEQRTATYITELANALSYCHSKRVIHRDIKPENLLL
GSAGELKIADFGWSVHAPSSRRTTLCGTLDYLPPEMIEGRMHDEKVDLWSLGVLCYEFLVGKPPFEANTYQETYKRISRV
EFTFPDFVTEGARDLISRLLKHNPSQRPMLREVLEHPWITANSSKPSNCQNKESASKQS
;
_entity_poly.pdbx_strand_id   A
#
loop_
_chem_comp.id
_chem_comp.type
_chem_comp.name
_chem_comp.formula
V0K non-polymer 1-[[3,4-bis(fluoranyl)phenyl]methyl]-~{N}-[(1~{R})-2-[[(3~{E})-3-(1~{H}-imidazol-5-ylmethylidene)-2-oxidanylidene-1~{H}-indol-5-yl]amino]-2-oxidanylidene-1-phenyl-ethyl]-6-methyl-2-oxidanylidene-pyridine-3-carboxamide 'C34 H26 F2 N6 O4'
#
# COMPACT_ATOMS: atom_id res chain seq x y z
N LYS A 13 11.21 17.45 -5.71
CA LYS A 13 10.53 16.74 -4.64
C LYS A 13 10.61 15.22 -4.79
N GLN A 14 10.25 14.70 -5.96
CA GLN A 14 10.26 13.26 -6.21
C GLN A 14 11.26 12.82 -7.28
N LYS A 15 11.42 13.60 -8.35
CA LYS A 15 12.33 13.25 -9.46
C LYS A 15 13.79 13.49 -9.10
N ASN A 16 14.26 12.79 -8.07
CA ASN A 16 15.66 12.94 -7.68
C ASN A 16 16.61 12.37 -8.72
N GLU A 17 16.89 11.07 -8.65
CA GLU A 17 17.84 10.46 -9.57
C GLU A 17 17.35 9.08 -9.98
N GLU A 18 17.53 8.75 -11.26
CA GLU A 18 17.15 7.45 -11.79
C GLU A 18 18.30 6.46 -11.77
N SER A 19 19.54 6.93 -11.66
CA SER A 19 20.69 6.03 -11.58
C SER A 19 20.80 5.54 -10.14
N LYS A 20 20.18 4.40 -9.86
CA LYS A 20 20.31 3.76 -8.55
C LYS A 20 21.64 3.02 -8.48
N LYS A 21 22.31 3.10 -7.34
CA LYS A 21 23.67 2.63 -7.22
C LYS A 21 23.85 2.09 -5.80
N ARG A 22 24.93 1.32 -5.59
CA ARG A 22 25.19 0.66 -4.32
C ARG A 22 26.53 1.07 -3.71
N GLN A 23 27.03 2.28 -4.03
CA GLN A 23 28.30 2.76 -3.49
C GLN A 23 28.03 3.73 -2.37
N TRP A 24 26.85 3.61 -1.78
CA TRP A 24 26.35 4.46 -0.73
C TRP A 24 26.75 3.82 0.58
N ALA A 25 27.18 4.64 1.53
CA ALA A 25 27.43 4.14 2.86
C ALA A 25 26.65 4.95 3.89
N LEU A 26 26.58 4.34 5.07
CA LEU A 26 25.83 4.93 6.16
C LEU A 26 26.37 6.32 6.48
N GLU A 27 27.66 6.53 6.25
CA GLU A 27 28.28 7.82 6.51
C GLU A 27 27.80 8.92 5.57
N ASP A 28 26.98 8.62 4.56
CA ASP A 28 26.43 9.65 3.69
C ASP A 28 25.24 10.38 4.31
N PHE A 29 24.74 9.90 5.45
CA PHE A 29 23.50 10.39 6.00
C PHE A 29 23.58 10.82 7.46
N GLU A 30 22.85 11.90 7.77
CA GLU A 30 22.53 12.24 9.15
C GLU A 30 21.16 11.63 9.44
N ILE A 31 21.09 10.90 10.55
CA ILE A 31 19.91 10.11 10.89
C ILE A 31 19.04 10.89 11.86
N GLY A 32 17.74 10.93 11.59
CA GLY A 32 16.84 11.71 12.42
C GLY A 32 15.89 10.87 13.25
N ARG A 33 14.66 11.34 13.43
CA ARG A 33 13.75 10.67 14.34
C ARG A 33 13.20 9.39 13.71
N PRO A 34 12.88 8.39 14.53
CA PRO A 34 12.19 7.19 14.01
C PRO A 34 10.83 7.52 13.42
N LEU A 35 10.61 7.07 12.19
CA LEU A 35 9.34 7.25 11.50
C LEU A 35 8.33 6.16 11.79
N GLY A 36 8.77 4.91 11.89
CA GLY A 36 7.86 3.81 12.17
C GLY A 36 8.65 2.56 12.44
N LYS A 37 7.93 1.51 12.82
CA LYS A 37 8.55 0.22 13.04
C LYS A 37 7.80 -0.90 12.34
N GLY A 38 8.56 -1.91 11.93
CA GLY A 38 8.02 -3.13 11.38
C GLY A 38 8.68 -4.30 12.07
N LYS A 39 8.35 -5.51 11.60
CA LYS A 39 8.92 -6.69 12.23
C LYS A 39 10.44 -6.72 12.12
N PHE A 40 10.98 -6.43 10.94
CA PHE A 40 12.41 -6.63 10.67
C PHE A 40 13.26 -5.39 10.77
N GLY A 41 12.70 -4.23 10.41
CA GLY A 41 13.46 -3.02 10.32
C GLY A 41 12.78 -1.84 11.00
N ASN A 42 13.62 -0.89 11.36
CA ASN A 42 13.15 0.43 11.76
C ASN A 42 13.32 1.42 10.60
N VAL A 43 12.34 2.30 10.41
CA VAL A 43 12.45 3.34 9.38
C VAL A 43 12.72 4.65 10.10
N TYR A 44 13.70 5.41 9.60
CA TYR A 44 14.11 6.68 10.18
C TYR A 44 14.04 7.80 9.15
N LEU A 45 13.69 9.00 9.61
CA LEU A 45 13.96 10.19 8.81
C LEU A 45 15.46 10.36 8.65
N ALA A 46 15.89 10.83 7.47
CA ALA A 46 17.31 11.04 7.23
C ALA A 46 17.51 12.16 6.23
N ARG A 47 18.73 12.70 6.24
CA ARG A 47 19.12 13.76 5.32
C ARG A 47 20.49 13.46 4.73
N GLU A 48 20.56 13.42 3.40
CA GLU A 48 21.84 13.20 2.74
C GLU A 48 22.76 14.40 2.98
N LYS A 49 23.96 14.12 3.50
CA LYS A 49 24.87 15.19 3.93
C LYS A 49 25.26 16.17 2.81
N GLN A 50 25.61 15.66 1.62
CA GLN A 50 26.07 16.58 0.57
C GLN A 50 24.93 17.46 0.06
N SER A 51 23.78 16.86 -0.23
CA SER A 51 22.72 17.56 -0.94
C SER A 51 21.71 18.19 0.01
N LYS A 52 21.72 17.78 1.28
CA LYS A 52 20.71 18.11 2.28
C LYS A 52 19.32 17.55 1.93
N PHE A 53 19.27 16.57 1.04
CA PHE A 53 18.01 15.92 0.64
C PHE A 53 17.34 15.14 1.76
N ILE A 54 16.11 15.50 2.12
CA ILE A 54 15.36 14.78 3.14
C ILE A 54 14.68 13.57 2.52
N LEU A 55 14.79 12.42 3.19
CA LEU A 55 14.27 11.16 2.69
C LEU A 55 14.06 10.27 3.91
N ALA A 56 13.60 9.04 3.67
CA ALA A 56 13.50 8.07 4.75
C ALA A 56 14.45 6.92 4.45
N LEU A 57 15.16 6.47 5.49
CA LEU A 57 16.08 5.35 5.38
C LEU A 57 15.51 4.22 6.22
N LYS A 58 15.14 3.11 5.57
CA LYS A 58 14.68 1.93 6.29
C LYS A 58 15.82 0.93 6.49
N VAL A 59 16.01 0.52 7.73
CA VAL A 59 17.14 -0.30 8.18
C VAL A 59 16.61 -1.67 8.59
N LEU A 60 17.09 -2.71 7.89
CA LEU A 60 16.68 -4.09 8.05
C LEU A 60 17.92 -4.89 8.39
N PHE A 61 17.80 -5.85 9.28
CA PHE A 61 18.97 -6.61 9.70
C PHE A 61 19.13 -7.78 8.74
N LYS A 62 20.29 -7.83 8.08
CA LYS A 62 20.55 -8.87 7.08
C LYS A 62 20.32 -10.25 7.65
N ALA A 63 20.84 -10.51 8.86
CA ALA A 63 20.73 -11.83 9.44
C ALA A 63 19.27 -12.21 9.60
N GLN A 64 18.42 -11.24 9.96
CA GLN A 64 17.00 -11.49 10.10
C GLN A 64 16.33 -11.73 8.75
N LEU A 65 16.70 -10.96 7.73
CA LEU A 65 16.11 -11.20 6.42
C LEU A 65 16.41 -12.62 5.94
N GLU A 66 17.68 -13.05 6.06
CA GLU A 66 18.03 -14.40 5.61
C GLU A 66 17.36 -15.46 6.46
N LYS A 67 17.33 -15.27 7.78
CA LYS A 67 16.66 -16.21 8.68
C LYS A 67 15.18 -16.35 8.35
N ALA A 68 14.53 -15.28 7.92
CA ALA A 68 13.11 -15.38 7.61
C ALA A 68 12.85 -15.88 6.18
N GLY A 69 13.89 -16.02 5.36
CA GLY A 69 13.73 -16.49 4.00
C GLY A 69 13.10 -15.53 3.02
N VAL A 70 13.37 -14.23 3.17
CA VAL A 70 12.73 -13.20 2.38
C VAL A 70 13.73 -12.33 1.62
N GLU A 71 15.02 -12.59 1.80
CA GLU A 71 16.08 -11.81 1.14
C GLU A 71 15.96 -11.87 -0.38
N HIS A 72 15.62 -13.03 -0.94
CA HIS A 72 15.41 -13.11 -2.38
C HIS A 72 14.22 -12.27 -2.80
N GLN A 73 13.13 -12.36 -2.05
CA GLN A 73 11.98 -11.51 -2.32
C GLN A 73 12.41 -10.05 -2.35
N LEU A 74 13.24 -9.64 -1.38
CA LEU A 74 13.73 -8.27 -1.36
C LEU A 74 14.57 -7.89 -2.58
N ARG A 75 15.52 -8.74 -2.99
CA ARG A 75 16.29 -8.42 -4.19
C ARG A 75 15.40 -8.21 -5.40
N ARG A 76 14.48 -9.15 -5.64
CA ARG A 76 13.57 -9.06 -6.78
C ARG A 76 12.65 -7.85 -6.68
N GLU A 77 12.12 -7.58 -5.48
CA GLU A 77 11.24 -6.44 -5.31
C GLU A 77 11.96 -5.12 -5.53
N VAL A 78 13.18 -5.00 -5.00
CA VAL A 78 13.98 -3.79 -5.24
C VAL A 78 14.22 -3.59 -6.72
N GLU A 79 14.61 -4.66 -7.42
CA GLU A 79 14.83 -4.56 -8.86
C GLU A 79 13.58 -4.09 -9.60
N ILE A 80 12.42 -4.66 -9.28
CA ILE A 80 11.18 -4.20 -9.90
C ILE A 80 10.87 -2.75 -9.56
N GLN A 81 10.82 -2.44 -8.26
CA GLN A 81 10.55 -1.10 -7.77
C GLN A 81 11.40 -0.03 -8.43
N SER A 82 12.67 -0.31 -8.67
CA SER A 82 13.54 0.68 -9.29
C SER A 82 13.01 1.17 -10.63
N HIS A 83 12.11 0.44 -11.26
CA HIS A 83 11.58 0.81 -12.56
C HIS A 83 10.32 1.66 -12.48
N LEU A 84 9.69 1.73 -11.31
CA LEU A 84 8.37 2.31 -11.15
C LEU A 84 8.48 3.79 -10.80
N ARG A 85 7.90 4.62 -11.66
CA ARG A 85 7.90 6.08 -11.52
C ARG A 85 6.45 6.54 -11.59
N HIS A 86 5.85 6.86 -10.43
CA HIS A 86 4.43 7.20 -10.43
C HIS A 86 4.08 8.03 -9.21
N PRO A 87 3.25 9.07 -9.38
CA PRO A 87 2.92 9.96 -8.25
C PRO A 87 2.20 9.30 -7.08
N ASN A 88 1.54 8.16 -7.29
CA ASN A 88 0.87 7.50 -6.17
C ASN A 88 1.60 6.25 -5.70
N ILE A 89 2.85 6.08 -6.12
CA ILE A 89 3.72 5.02 -5.63
C ILE A 89 4.98 5.67 -5.07
N LEU A 90 5.35 5.31 -3.85
CA LEU A 90 6.55 5.90 -3.27
C LEU A 90 7.74 5.55 -4.16
N ARG A 91 8.56 6.55 -4.47
CA ARG A 91 9.68 6.36 -5.37
C ARG A 91 10.83 5.77 -4.55
N LEU A 92 11.50 4.76 -5.11
CA LEU A 92 12.70 4.17 -4.51
C LEU A 92 13.97 4.71 -5.16
N TYR A 93 14.79 5.36 -4.35
CA TYR A 93 16.01 5.99 -4.82
C TYR A 93 17.19 5.02 -4.91
N GLY A 94 17.29 4.03 -4.03
CA GLY A 94 18.45 3.17 -4.05
C GLY A 94 18.57 2.33 -2.80
N TYR A 95 19.71 1.67 -2.66
CA TYR A 95 19.96 0.83 -1.50
C TYR A 95 21.47 0.62 -1.35
N PHE A 96 21.86 0.11 -0.19
CA PHE A 96 23.26 -0.27 0.06
C PHE A 96 23.30 -1.10 1.33
N HIS A 97 24.50 -1.53 1.71
CA HIS A 97 24.64 -2.36 2.90
C HIS A 97 26.03 -2.19 3.48
N ASP A 98 26.16 -2.52 4.77
CA ASP A 98 27.44 -2.73 5.43
C ASP A 98 27.50 -4.14 6.01
N ALA A 99 28.34 -4.33 7.00
CA ALA A 99 28.49 -5.66 7.60
C ALA A 99 27.19 -6.14 8.26
N THR A 100 26.48 -5.26 8.93
CA THR A 100 25.39 -5.76 9.76
C THR A 100 24.01 -5.76 9.11
N ARG A 101 23.69 -4.75 8.30
CA ARG A 101 22.31 -4.52 7.90
C ARG A 101 22.23 -4.00 6.47
N VAL A 102 20.99 -3.95 5.98
CA VAL A 102 20.65 -3.55 4.62
C VAL A 102 19.85 -2.26 4.76
N TYR A 103 20.18 -1.26 3.92
CA TYR A 103 19.56 0.06 3.96
C TYR A 103 18.86 0.40 2.66
N LEU A 104 17.55 0.66 2.75
CA LEU A 104 16.69 1.11 1.65
C LEU A 104 16.47 2.62 1.71
N ILE A 105 16.71 3.31 0.59
CA ILE A 105 16.59 4.77 0.48
C ILE A 105 15.25 5.12 -0.17
N LEU A 106 14.34 5.72 0.60
CA LEU A 106 12.95 5.87 0.22
C LEU A 106 12.54 7.33 0.21
N GLU A 107 11.55 7.63 -0.63
CA GLU A 107 10.88 8.92 -0.58
C GLU A 107 10.30 9.17 0.82
N TYR A 108 10.44 10.41 1.29
CA TYR A 108 9.83 10.85 2.54
C TYR A 108 8.45 11.44 2.23
N ALA A 109 7.41 10.84 2.82
CA ALA A 109 6.04 11.30 2.63
C ALA A 109 5.61 12.05 3.88
N PRO A 110 5.60 13.38 3.86
CA PRO A 110 5.51 14.15 5.12
C PRO A 110 4.21 14.01 5.87
N LEU A 111 3.11 13.68 5.22
CA LEU A 111 1.84 13.68 5.93
C LEU A 111 1.52 12.31 6.52
N GLY A 112 2.41 11.35 6.35
CA GLY A 112 2.36 10.10 7.07
C GLY A 112 1.36 9.13 6.47
N THR A 113 0.96 8.15 7.28
CA THR A 113 0.17 7.03 6.81
C THR A 113 -1.31 7.38 6.85
N VAL A 114 -2.05 6.79 5.92
CA VAL A 114 -3.51 6.85 5.97
C VAL A 114 -3.98 6.16 7.24
N TYR A 115 -3.27 5.13 7.68
CA TYR A 115 -3.62 4.46 8.91
C TYR A 115 -3.73 5.45 10.07
N ARG A 116 -2.75 6.35 10.21
CA ARG A 116 -2.79 7.33 11.29
C ARG A 116 -3.94 8.31 11.07
N GLU A 117 -4.16 8.70 9.82
CA GLU A 117 -5.26 9.59 9.54
C GLU A 117 -6.58 8.96 9.94
N LEU A 118 -6.73 7.66 9.65
CA LEU A 118 -7.95 6.95 10.02
C LEU A 118 -8.10 6.93 11.54
N GLN A 119 -6.99 6.67 12.24
CA GLN A 119 -7.05 6.63 13.70
C GLN A 119 -7.43 7.99 14.27
N LYS A 120 -7.01 9.07 13.61
CA LYS A 120 -7.25 10.42 14.08
C LYS A 120 -8.65 10.91 13.74
N LEU A 121 -9.17 10.53 12.57
CA LEU A 121 -10.49 10.93 12.09
C LEU A 121 -11.61 9.94 12.39
N SER A 122 -11.30 8.74 12.87
CA SER A 122 -12.29 7.67 13.08
C SER A 122 -12.80 7.06 11.79
N LYS A 123 -13.24 7.90 10.87
CA LYS A 123 -13.64 7.46 9.55
C LYS A 123 -13.44 8.62 8.60
N PHE A 124 -13.38 8.32 7.31
CA PHE A 124 -13.18 9.38 6.32
C PHE A 124 -14.51 9.75 5.68
N ASP A 125 -14.58 10.99 5.22
CA ASP A 125 -15.74 11.41 4.48
C ASP A 125 -15.66 10.88 3.06
N GLU A 126 -16.74 11.06 2.32
CA GLU A 126 -16.78 10.50 0.98
C GLU A 126 -15.76 11.17 0.07
N GLN A 127 -15.40 12.42 0.40
CA GLN A 127 -14.45 13.15 -0.44
C GLN A 127 -13.04 12.63 -0.27
N ARG A 128 -12.58 12.52 0.97
CA ARG A 128 -11.27 11.91 1.23
C ARG A 128 -11.23 10.51 0.66
N THR A 129 -12.27 9.72 0.94
CA THR A 129 -12.32 8.33 0.49
C THR A 129 -12.26 8.21 -1.02
N ALA A 130 -13.08 8.97 -1.75
CA ALA A 130 -13.11 8.81 -3.19
C ALA A 130 -11.85 9.35 -3.85
N THR A 131 -11.25 10.39 -3.27
CA THR A 131 -9.95 10.85 -3.78
C THR A 131 -8.89 9.78 -3.58
N TYR A 132 -8.85 9.20 -2.38
CA TYR A 132 -7.92 8.11 -2.10
C TYR A 132 -8.14 6.95 -3.06
N ILE A 133 -9.40 6.57 -3.31
CA ILE A 133 -9.67 5.42 -4.17
C ILE A 133 -9.27 5.70 -5.61
N THR A 134 -9.53 6.91 -6.10
CA THR A 134 -9.04 7.29 -7.42
C THR A 134 -7.53 7.17 -7.50
N GLU A 135 -6.83 7.66 -6.48
CA GLU A 135 -5.37 7.59 -6.49
C GLU A 135 -4.89 6.14 -6.49
N LEU A 136 -5.53 5.29 -5.68
CA LEU A 136 -5.17 3.86 -5.67
C LEU A 136 -5.47 3.18 -6.99
N ALA A 137 -6.66 3.43 -7.56
CA ALA A 137 -6.98 2.81 -8.83
C ALA A 137 -6.01 3.24 -9.92
N ASN A 138 -5.63 4.52 -9.95
CA ASN A 138 -4.62 4.96 -10.90
C ASN A 138 -3.30 4.22 -10.70
N ALA A 139 -2.84 4.15 -9.44
CA ALA A 139 -1.58 3.49 -9.13
C ALA A 139 -1.60 2.00 -9.48
N LEU A 140 -2.67 1.31 -9.12
CA LEU A 140 -2.76 -0.10 -9.46
C LEU A 140 -2.90 -0.32 -10.95
N SER A 141 -3.60 0.56 -11.65
CA SER A 141 -3.66 0.44 -13.10
C SER A 141 -2.26 0.56 -13.70
N TYR A 142 -1.52 1.57 -13.28
CA TYR A 142 -0.12 1.71 -13.69
C TYR A 142 0.74 0.49 -13.34
N CYS A 143 0.58 -0.04 -12.12
CA CYS A 143 1.32 -1.24 -11.75
C CYS A 143 0.94 -2.41 -12.62
N HIS A 144 -0.35 -2.59 -12.87
CA HIS A 144 -0.84 -3.69 -13.68
C HIS A 144 -0.34 -3.59 -15.10
N SER A 145 -0.16 -2.35 -15.58
CA SER A 145 0.27 -2.10 -16.96
C SER A 145 1.68 -2.58 -17.20
N LYS A 146 2.48 -2.79 -16.16
CA LYS A 146 3.85 -3.27 -16.30
C LYS A 146 4.05 -4.65 -15.66
N ARG A 147 3.03 -5.49 -15.68
CA ARG A 147 3.18 -6.87 -15.21
C ARG A 147 3.45 -6.96 -13.72
N VAL A 148 3.08 -5.94 -12.96
CA VAL A 148 3.41 -5.90 -11.54
C VAL A 148 2.18 -6.07 -10.67
N ILE A 149 1.72 -7.32 -10.51
CA ILE A 149 0.49 -7.57 -9.76
C ILE A 149 0.78 -7.26 -8.31
N HIS A 150 -0.19 -6.68 -7.62
CA HIS A 150 -0.03 -6.40 -6.20
C HIS A 150 -0.68 -7.43 -5.27
N ARG A 151 0.03 -7.72 -4.19
CA ARG A 151 -0.48 -8.45 -3.03
C ARG A 151 -1.45 -7.56 -2.26
N ASP A 152 -1.59 -7.79 -0.95
CA ASP A 152 -2.50 -6.98 -0.12
C ASP A 152 -2.09 -5.50 -0.03
N ILE A 153 -3.08 -4.65 0.25
CA ILE A 153 -2.91 -3.19 0.35
C ILE A 153 -3.49 -2.78 1.69
N LYS A 154 -2.65 -2.34 2.58
CA LYS A 154 -3.05 -1.96 3.93
C LYS A 154 -3.01 -0.46 4.14
N PRO A 155 -3.92 0.12 4.93
CA PRO A 155 -3.81 1.57 5.18
C PRO A 155 -2.46 1.93 5.76
N GLU A 156 -1.83 1.00 6.50
CA GLU A 156 -0.49 1.20 7.04
C GLU A 156 0.54 1.38 5.93
N ASN A 157 0.25 0.94 4.72
CA ASN A 157 1.20 0.97 3.62
C ASN A 157 0.83 2.07 2.63
N LEU A 158 -0.02 2.99 3.07
CA LEU A 158 -0.41 4.16 2.30
C LEU A 158 0.11 5.40 3.00
N LEU A 159 0.91 6.18 2.29
CA LEU A 159 1.52 7.40 2.81
C LEU A 159 0.89 8.62 2.14
N LEU A 160 1.15 9.80 2.70
CA LEU A 160 0.57 11.02 2.17
C LEU A 160 1.67 12.02 1.84
N GLY A 161 1.69 12.52 0.61
CA GLY A 161 2.67 13.49 0.18
C GLY A 161 2.39 14.90 0.68
N SER A 162 3.25 15.83 0.25
CA SER A 162 3.17 17.19 0.79
C SER A 162 1.81 17.82 0.54
N ALA A 163 1.16 17.43 -0.56
CA ALA A 163 -0.15 17.91 -0.91
C ALA A 163 -1.23 16.92 -0.53
N GLY A 164 -0.89 15.94 0.30
CA GLY A 164 -1.84 14.94 0.72
C GLY A 164 -2.05 13.84 -0.30
N GLU A 165 -1.17 13.74 -1.28
CA GLU A 165 -1.30 12.66 -2.27
C GLU A 165 -0.87 11.34 -1.66
N LEU A 166 -1.60 10.29 -2.03
CA LEU A 166 -1.34 8.96 -1.53
C LEU A 166 -0.14 8.32 -2.23
N LYS A 167 0.65 7.57 -1.45
CA LYS A 167 1.78 6.80 -1.94
C LYS A 167 1.69 5.35 -1.46
N ILE A 168 1.63 4.41 -2.40
CA ILE A 168 1.71 2.98 -2.10
C ILE A 168 3.10 2.60 -1.63
N ALA A 169 3.18 2.07 -0.39
CA ALA A 169 4.43 1.86 0.33
C ALA A 169 4.81 0.40 0.63
N ASP A 170 3.90 -0.56 0.46
CA ASP A 170 4.18 -1.99 0.68
C ASP A 170 4.84 -2.69 -0.51
N PHE A 171 5.61 -3.75 -0.19
CA PHE A 171 6.36 -4.50 -1.19
C PHE A 171 5.57 -5.66 -1.83
N GLY A 172 4.24 -5.59 -1.86
CA GLY A 172 3.40 -6.75 -2.15
C GLY A 172 3.42 -6.89 -3.67
N TRP A 173 4.59 -7.12 -4.28
CA TRP A 173 4.77 -7.14 -5.73
C TRP A 173 5.09 -8.53 -6.27
N SER A 174 5.12 -8.62 -7.60
CA SER A 174 5.59 -9.81 -8.30
C SER A 174 5.98 -9.45 -9.72
N VAL A 175 7.00 -10.13 -10.24
CA VAL A 175 7.32 -10.12 -11.67
C VAL A 175 6.39 -11.04 -12.46
N CYS A 186 1.25 -11.34 3.80
CA CYS A 186 0.49 -12.20 4.71
C CYS A 186 0.12 -11.44 5.98
N GLY A 187 0.84 -11.71 7.07
CA GLY A 187 0.50 -11.11 8.35
C GLY A 187 -0.98 -11.25 8.60
N THR A 188 -1.63 -10.13 8.95
CA THR A 188 -3.09 -10.11 8.97
C THR A 188 -3.68 -10.23 7.56
N LEU A 189 -4.74 -11.01 7.44
CA LEU A 189 -5.41 -11.39 6.20
C LEU A 189 -6.50 -10.41 5.75
N ASP A 190 -6.80 -9.38 6.56
CA ASP A 190 -8.03 -8.60 6.41
C ASP A 190 -8.26 -8.19 4.97
N TYR A 191 -7.20 -7.99 4.20
CA TYR A 191 -7.29 -7.44 2.85
C TYR A 191 -7.07 -8.50 1.79
N LEU A 192 -6.87 -9.75 2.18
CA LEU A 192 -6.63 -10.77 1.17
C LEU A 192 -7.96 -11.30 0.61
N PRO A 193 -8.01 -11.52 -0.70
CA PRO A 193 -9.21 -12.07 -1.34
C PRO A 193 -9.33 -13.56 -1.08
N PRO A 194 -10.55 -14.10 -1.22
CA PRO A 194 -10.73 -15.54 -1.01
C PRO A 194 -9.76 -16.41 -1.78
N GLU A 195 -9.57 -16.13 -3.07
CA GLU A 195 -8.67 -16.96 -3.87
C GLU A 195 -7.23 -16.93 -3.35
N MET A 196 -6.84 -15.86 -2.66
CA MET A 196 -5.51 -15.85 -2.06
C MET A 196 -5.47 -16.59 -0.73
N ILE A 197 -6.60 -16.67 -0.03
CA ILE A 197 -6.58 -17.35 1.26
C ILE A 197 -7.03 -18.79 1.08
N GLU A 198 -7.84 -19.06 0.05
CA GLU A 198 -8.26 -20.45 -0.15
C GLU A 198 -7.24 -21.25 -0.94
N GLY A 199 -6.14 -20.64 -1.35
CA GLY A 199 -5.14 -21.36 -2.11
C GLY A 199 -5.54 -21.58 -3.55
N ARG A 200 -6.38 -20.71 -4.11
CA ARG A 200 -6.85 -20.84 -5.48
C ARG A 200 -5.92 -20.01 -6.38
N MET A 201 -6.32 -19.82 -7.63
CA MET A 201 -5.54 -19.02 -8.55
C MET A 201 -6.01 -17.57 -8.44
N HIS A 202 -5.04 -16.67 -8.34
CA HIS A 202 -5.27 -15.24 -8.24
C HIS A 202 -4.59 -14.46 -9.36
N ASP A 203 -5.24 -13.38 -9.78
CA ASP A 203 -4.73 -12.55 -10.86
C ASP A 203 -4.88 -11.09 -10.42
N GLU A 204 -4.77 -10.17 -11.38
CA GLU A 204 -4.87 -8.75 -11.06
C GLU A 204 -6.18 -8.38 -10.36
N LYS A 205 -7.18 -9.27 -10.36
CA LYS A 205 -8.44 -8.98 -9.69
C LYS A 205 -8.34 -9.07 -8.16
N VAL A 206 -7.24 -9.63 -7.63
CA VAL A 206 -7.06 -9.67 -6.19
C VAL A 206 -7.13 -8.26 -5.59
N ASP A 207 -6.38 -7.33 -6.15
CA ASP A 207 -6.34 -5.99 -5.58
C ASP A 207 -7.63 -5.22 -5.83
N LEU A 208 -8.48 -5.68 -6.75
CA LEU A 208 -9.79 -5.06 -6.85
C LEU A 208 -10.58 -5.39 -5.60
N TRP A 209 -10.49 -6.64 -5.17
CA TRP A 209 -11.00 -6.97 -3.85
C TRP A 209 -10.40 -6.05 -2.80
N SER A 210 -9.08 -5.88 -2.85
CA SER A 210 -8.43 -4.99 -1.90
C SER A 210 -9.04 -3.59 -1.87
N LEU A 211 -9.37 -3.03 -3.05
CA LEU A 211 -9.96 -1.70 -3.03
C LEU A 211 -11.28 -1.69 -2.30
N GLY A 212 -12.09 -2.73 -2.49
CA GLY A 212 -13.35 -2.74 -1.79
C GLY A 212 -13.11 -2.76 -0.30
N VAL A 213 -12.18 -3.60 0.15
CA VAL A 213 -11.88 -3.64 1.57
C VAL A 213 -11.42 -2.27 2.04
N LEU A 214 -10.52 -1.62 1.28
CA LEU A 214 -10.02 -0.34 1.75
C LEU A 214 -11.13 0.70 1.72
N CYS A 215 -11.91 0.69 0.64
CA CYS A 215 -13.02 1.63 0.57
C CYS A 215 -13.91 1.49 1.78
N TYR A 216 -14.24 0.24 2.14
CA TYR A 216 -15.11 0.05 3.30
C TYR A 216 -14.44 0.59 4.54
N GLU A 217 -13.17 0.25 4.73
CA GLU A 217 -12.53 0.67 5.95
C GLU A 217 -12.47 2.18 6.00
N PHE A 218 -12.19 2.81 4.85
CA PHE A 218 -12.09 4.26 4.86
C PHE A 218 -13.40 4.87 5.29
N LEU A 219 -14.51 4.35 4.78
CA LEU A 219 -15.79 4.93 5.12
C LEU A 219 -16.25 4.51 6.51
N VAL A 220 -15.84 3.32 6.96
CA VAL A 220 -16.40 2.75 8.18
C VAL A 220 -15.44 2.82 9.35
N GLY A 221 -14.13 2.72 9.12
CA GLY A 221 -13.16 2.84 10.16
C GLY A 221 -12.59 1.51 10.60
N LYS A 222 -13.08 0.42 10.01
CA LYS A 222 -12.51 -0.91 10.16
C LYS A 222 -12.83 -1.71 8.91
N PRO A 223 -12.05 -2.73 8.61
CA PRO A 223 -12.25 -3.50 7.39
C PRO A 223 -13.47 -4.40 7.50
N PRO A 224 -14.03 -4.79 6.36
CA PRO A 224 -15.34 -5.44 6.40
C PRO A 224 -15.37 -6.78 7.11
N PHE A 225 -14.22 -7.45 7.23
CA PHE A 225 -14.18 -8.79 7.81
C PHE A 225 -13.43 -8.81 9.13
N GLU A 226 -13.21 -7.64 9.73
CA GLU A 226 -12.48 -7.58 10.98
C GLU A 226 -13.12 -8.48 12.02
N ALA A 227 -12.29 -9.11 12.84
CA ALA A 227 -12.80 -10.01 13.86
C ALA A 227 -11.72 -10.21 14.90
N ASN A 228 -12.12 -10.78 16.03
CA ASN A 228 -11.22 -10.95 17.16
C ASN A 228 -10.12 -11.97 16.88
N THR A 229 -10.34 -12.94 15.99
CA THR A 229 -9.34 -13.96 15.76
C THR A 229 -9.16 -14.17 14.26
N TYR A 230 -7.96 -14.64 13.93
CA TYR A 230 -7.62 -15.05 12.58
C TYR A 230 -8.59 -16.06 11.97
N GLN A 231 -9.01 -17.06 12.75
CA GLN A 231 -9.92 -18.09 12.25
C GLN A 231 -11.28 -17.50 11.87
N GLU A 232 -11.84 -16.66 12.75
CA GLU A 232 -13.12 -16.02 12.49
C GLU A 232 -13.03 -15.18 11.23
N THR A 233 -11.96 -14.41 11.12
CA THR A 233 -11.75 -13.58 9.94
C THR A 233 -11.64 -14.44 8.69
N TYR A 234 -10.86 -15.53 8.75
CA TYR A 234 -10.78 -16.42 7.60
C TYR A 234 -12.18 -16.82 7.13
N LYS A 235 -13.05 -17.18 8.08
CA LYS A 235 -14.37 -17.68 7.65
C LYS A 235 -15.20 -16.55 7.06
N ARG A 236 -15.11 -15.36 7.66
CA ARG A 236 -15.88 -14.21 7.16
C ARG A 236 -15.46 -13.84 5.74
N ILE A 237 -14.16 -13.85 5.46
CA ILE A 237 -13.71 -13.58 4.09
C ILE A 237 -14.23 -14.66 3.16
N SER A 238 -14.03 -15.93 3.56
CA SER A 238 -14.45 -17.04 2.70
C SER A 238 -15.95 -16.96 2.40
N ARG A 239 -16.75 -16.57 3.39
CA ARG A 239 -18.18 -16.51 3.25
C ARG A 239 -18.63 -15.17 2.68
N VAL A 240 -17.71 -14.23 2.58
CA VAL A 240 -17.98 -12.83 2.27
C VAL A 240 -19.09 -12.34 3.19
N GLU A 241 -18.89 -12.52 4.48
CA GLU A 241 -19.89 -12.21 5.50
C GLU A 241 -19.55 -10.85 6.09
N PHE A 242 -20.22 -9.81 5.60
CA PHE A 242 -20.07 -8.43 6.04
C PHE A 242 -21.39 -7.70 5.92
N THR A 243 -21.54 -6.60 6.67
CA THR A 243 -22.74 -5.77 6.60
C THR A 243 -22.37 -4.28 6.55
N PHE A 244 -23.32 -3.45 6.04
CA PHE A 244 -23.11 -2.00 5.94
C PHE A 244 -23.83 -1.26 7.05
N PRO A 245 -23.19 -0.28 7.69
CA PRO A 245 -23.93 0.60 8.59
C PRO A 245 -24.84 1.54 7.81
N ASP A 246 -25.82 2.06 8.54
CA ASP A 246 -26.86 2.87 7.93
C ASP A 246 -26.33 4.10 7.21
N PHE A 247 -25.25 4.71 7.72
CA PHE A 247 -24.78 5.98 7.17
C PHE A 247 -24.15 5.80 5.80
N VAL A 248 -23.71 4.59 5.47
CA VAL A 248 -23.14 4.29 4.17
C VAL A 248 -24.18 4.50 3.07
N THR A 249 -23.85 5.33 2.08
CA THR A 249 -24.79 5.78 1.07
C THR A 249 -25.04 4.68 0.02
N GLU A 250 -26.13 4.85 -0.74
CA GLU A 250 -26.50 3.85 -1.73
C GLU A 250 -25.39 3.61 -2.75
N GLY A 251 -24.68 4.68 -3.14
CA GLY A 251 -23.67 4.53 -4.16
C GLY A 251 -22.46 3.76 -3.68
N ALA A 252 -22.06 4.00 -2.44
CA ALA A 252 -20.92 3.31 -1.87
C ALA A 252 -21.26 1.85 -1.61
N ARG A 253 -22.44 1.58 -1.05
CA ARG A 253 -22.88 0.20 -0.95
C ARG A 253 -22.77 -0.52 -2.28
N ASP A 254 -23.29 0.11 -3.35
CA ASP A 254 -23.21 -0.51 -4.67
C ASP A 254 -21.78 -0.76 -5.12
N LEU A 255 -20.88 0.21 -4.90
CA LEU A 255 -19.50 0.07 -5.37
C LEU A 255 -18.77 -1.01 -4.58
N ILE A 256 -18.89 -0.97 -3.26
CA ILE A 256 -18.24 -1.96 -2.43
C ILE A 256 -18.72 -3.35 -2.80
N SER A 257 -20.04 -3.50 -2.96
CA SER A 257 -20.62 -4.78 -3.38
C SER A 257 -20.08 -5.24 -4.73
N ARG A 258 -19.83 -4.30 -5.66
CA ARG A 258 -19.22 -4.71 -6.93
C ARG A 258 -17.80 -5.19 -6.73
N LEU A 259 -17.05 -4.57 -5.82
CA LEU A 259 -15.66 -4.97 -5.66
C LEU A 259 -15.52 -6.23 -4.81
N LEU A 260 -16.34 -6.34 -3.77
CA LEU A 260 -16.28 -7.49 -2.87
C LEU A 260 -17.11 -8.66 -3.38
N LYS A 261 -16.76 -9.12 -4.59
CA LYS A 261 -17.37 -10.30 -5.17
C LYS A 261 -16.48 -11.52 -4.94
N HIS A 262 -17.11 -12.63 -4.56
CA HIS A 262 -16.36 -13.86 -4.37
C HIS A 262 -15.68 -14.27 -5.68
N ASN A 263 -16.39 -14.16 -6.77
CA ASN A 263 -15.89 -14.56 -8.07
C ASN A 263 -14.97 -13.52 -8.68
N PRO A 264 -13.67 -13.83 -8.78
CA PRO A 264 -12.71 -12.87 -9.36
C PRO A 264 -13.21 -12.32 -10.68
N SER A 265 -13.81 -13.16 -11.51
CA SER A 265 -14.27 -12.74 -12.83
C SER A 265 -15.33 -11.66 -12.73
N GLN A 266 -15.97 -11.51 -11.57
CA GLN A 266 -17.04 -10.54 -11.37
C GLN A 266 -16.53 -9.17 -10.96
N ARG A 267 -15.27 -9.05 -10.64
CA ARG A 267 -14.82 -7.72 -10.29
C ARG A 267 -14.65 -6.86 -11.55
N PRO A 268 -14.86 -5.56 -11.44
CA PRO A 268 -14.82 -4.70 -12.62
C PRO A 268 -13.39 -4.53 -13.13
N MET A 269 -13.30 -3.92 -14.31
CA MET A 269 -11.99 -3.46 -14.74
C MET A 269 -11.72 -2.14 -14.01
N LEU A 270 -10.46 -1.77 -13.92
CA LEU A 270 -10.15 -0.50 -13.27
C LEU A 270 -10.80 0.69 -14.00
N ARG A 271 -10.90 0.61 -15.32
CA ARG A 271 -11.68 1.58 -16.08
C ARG A 271 -13.08 1.76 -15.51
N GLU A 272 -13.78 0.65 -15.24
CA GLU A 272 -15.13 0.71 -14.71
C GLU A 272 -15.15 1.33 -13.32
N VAL A 273 -14.13 1.03 -12.51
CA VAL A 273 -14.04 1.63 -11.18
C VAL A 273 -13.93 3.14 -11.29
N LEU A 274 -13.01 3.60 -12.14
CA LEU A 274 -12.76 5.03 -12.27
C LEU A 274 -14.00 5.76 -12.80
N GLU A 275 -14.85 5.06 -13.53
CA GLU A 275 -16.08 5.61 -14.08
C GLU A 275 -17.31 5.42 -13.19
N HIS A 276 -17.21 4.69 -12.10
CA HIS A 276 -18.35 4.50 -11.20
C HIS A 276 -18.97 5.83 -10.78
N PRO A 277 -20.29 5.98 -10.90
CA PRO A 277 -20.95 7.25 -10.55
C PRO A 277 -20.73 7.74 -9.13
N TRP A 278 -20.55 6.85 -8.14
CA TRP A 278 -20.26 7.34 -6.80
C TRP A 278 -18.85 7.92 -6.72
N ILE A 279 -17.91 7.31 -7.43
CA ILE A 279 -16.54 7.82 -7.49
C ILE A 279 -16.50 9.14 -8.25
N THR A 280 -17.09 9.14 -9.46
CA THR A 280 -17.06 10.35 -10.26
C THR A 280 -17.80 11.50 -9.58
N ALA A 281 -18.85 11.18 -8.82
CA ALA A 281 -19.59 12.23 -8.14
C ALA A 281 -18.90 12.71 -6.88
N ASN A 282 -17.97 11.92 -6.34
CA ASN A 282 -17.40 12.22 -5.03
C ASN A 282 -15.91 12.51 -5.02
N SER A 283 -15.14 12.03 -6.00
CA SER A 283 -13.70 12.27 -5.89
C SER A 283 -13.39 13.73 -6.13
N SER A 284 -12.51 14.28 -5.29
CA SER A 284 -11.93 15.62 -5.38
C SER A 284 -10.62 15.64 -6.16
N LYS A 285 -10.47 14.95 -7.29
CA LYS A 285 -9.15 14.93 -7.94
C LYS A 285 -9.16 15.69 -9.26
N PRO A 286 -8.81 16.99 -9.24
CA PRO A 286 -8.65 17.85 -10.40
C PRO A 286 -7.53 17.38 -11.32
C01 V0K B . 2.05 -5.14 6.30
C02 V0K B . 3.10 -4.01 6.22
C03 V0K B . 2.90 -2.71 6.68
C04 V0K B . 3.94 -1.68 6.58
C05 V0K B . 5.15 -1.93 5.99
C06 V0K B . 6.29 -0.87 5.90
C09 V0K B . 7.35 1.57 5.60
C10 V0K B . 7.06 3.14 6.09
C13 V0K B . 7.43 5.76 5.73
C14 V0K B . 7.98 6.82 4.94
C15 V0K B . 7.77 8.19 5.29
C16 V0K B . 7.00 8.55 6.41
C18 V0K B . 5.86 9.72 8.13
C20 V0K B . 5.64 8.24 8.40
C21 V0K B . 4.87 7.93 9.52
C22 V0K B . 4.38 6.67 10.14
C23 V0K B . 4.92 5.44 10.60
C25 V0K B . 2.76 5.26 11.03
C27 V0K B . 6.41 7.54 7.25
C28 V0K B . 6.65 6.19 6.86
C29 V0K B . 8.41 0.95 6.56
C30 V0K B . 9.66 0.37 6.19
C31 V0K B . 10.52 -0.21 7.15
C32 V0K B . 10.13 -0.26 8.52
C33 V0K B . 8.90 0.28 8.90
C34 V0K B . 8.05 0.86 7.93
C35 V0K B . 5.42 -3.34 5.49
C38 V0K B . 4.58 -5.80 5.12
C39 V0K B . 4.93 -6.76 6.32
C40 V0K B . 6.17 -6.65 7.02
C41 V0K B . 6.49 -7.49 8.10
C42 V0K B . 5.56 -8.49 8.50
C44 V0K B . 4.33 -8.61 7.80
C46 V0K B . 4.03 -7.75 6.72
F43 V0K B . 5.84 -9.31 9.52
F45 V0K B . 3.45 -9.55 8.17
N08 V0K B . 6.17 0.57 5.61
N12 V0K B . 7.62 4.29 5.41
N17 V0K B . 6.67 9.85 6.95
N24 V0K B . 3.94 4.60 11.14
N26 V0K B . 2.99 6.50 10.44
N37 V0K B . 4.34 -4.36 5.61
O07 V0K B . 7.40 -1.34 6.18
O11 V0K B . 6.35 3.28 7.07
O19 V0K B . 5.44 10.69 8.76
O36 V0K B . 6.46 -3.73 4.97
H012 V0K B . 1.20 -4.85 6.59
H013 V0K B . 2.27 -5.83 6.89
H011 V0K B . 1.87 -5.58 5.49
H031 V0K B . 2.09 -2.49 7.08
H041 V0K B . 3.76 -0.83 6.92
H091 V0K B . 7.59 1.73 4.71
H141 V0K B . 8.48 6.59 4.20
H151 V0K B . 8.16 8.83 4.74
H211 V0K B . 4.60 8.66 10.01
H231 V0K B . 5.81 5.16 10.59
H251 V0K B . 1.92 4.97 11.30
H281 V0K B . 6.28 5.51 7.37
H301 V0K B . 9.92 0.36 5.29
H311 V0K B . 11.34 -0.58 6.90
H321 V0K B . 10.69 -0.64 9.16
H331 V0K B . 8.65 0.25 9.79
H341 V0K B . 7.23 1.20 8.21
H381 V0K B . 3.83 -6.10 4.63
H382 V0K B . 5.23 -5.80 4.44
H401 V0K B . 6.80 -6.01 6.79
H411 V0K B . 7.29 -7.42 8.56
H461 V0K B . 3.22 -7.85 6.29
H081 V0K B . 5.39 0.89 5.42
H121 V0K B . 8.12 4.11 4.72
H171 V0K B . 6.89 10.63 6.64
H261 V0K B . 2.37 7.09 10.29
#